data_6LDN
#
_entry.id   6LDN
#
_cell.length_a   61.473
_cell.length_b   131.072
_cell.length_c   51.913
_cell.angle_alpha   90.000
_cell.angle_beta   90.000
_cell.angle_gamma   90.000
#
_symmetry.space_group_name_H-M   'P 21 21 2'
#
loop_
_entity.id
_entity.type
_entity.pdbx_description
1 polymer Csm5
2 water water
#
_entity_poly.entity_id   1
_entity_poly.type   'polypeptide(L)'
_entity_poly.pdbx_seq_one_letter_code
;MTERTLKVLSPLHIGTGNELTPVDIYPRENIIHVLDTERLVNDLMNLGVELNEILALLKNPPGDAYIWKGYIEEFHLDPS
DYSIYTLKIHGKIGRKSMQIKEFIKLNGRPYIPGSSLKGAIRTAVLYKALKECGDARAVMRVVSKVNGDVARDIGRSEDV
LDYYMSFLSRARIDRKRADDLLEAIVFGMEPDRRSKIRYEPKRDPMKALIVRDSKPVGRKHLAVYHVEVIGNPQPIPIWV
EAIEPGAATDVEIHVDTEALRLNADYFNGLLWECLKERGEPGEVFEDFLWEAVDEFYTAVMKYETIEVQKFGRYTSQVRS
FYASLEDHSGHVLRLGWGSGWLAMTIGLLLVEKGYKWENVRKKLGLGKKPGGSGFSREFPKTRRLADGMPMGWVVLE
;
_entity_poly.pdbx_strand_id   A
#
# COMPACT_ATOMS: atom_id res chain seq x y z
N GLU A 3 -14.61 15.61 -7.97
CA GLU A 3 -13.65 14.52 -7.89
C GLU A 3 -12.31 14.83 -8.53
N ARG A 4 -11.26 14.82 -7.71
CA ARG A 4 -9.90 15.09 -8.16
C ARG A 4 -9.39 13.93 -9.03
N THR A 5 -8.58 14.27 -10.02
CA THR A 5 -7.98 13.26 -10.87
C THR A 5 -6.82 12.53 -10.19
N LEU A 6 -6.64 11.25 -10.56
CA LEU A 6 -5.62 10.37 -9.99
C LEU A 6 -4.94 9.57 -11.10
N LYS A 7 -3.61 9.50 -11.08
CA LYS A 7 -2.86 8.92 -12.18
C LYS A 7 -1.79 7.99 -11.63
N VAL A 8 -1.73 6.78 -12.17
CA VAL A 8 -0.81 5.74 -11.72
C VAL A 8 0.54 5.95 -12.42
N LEU A 9 1.61 6.06 -11.64
CA LEU A 9 2.92 6.41 -12.19
C LEU A 9 3.84 5.22 -12.36
N SER A 10 3.69 4.21 -11.53
CA SER A 10 4.52 3.02 -11.47
C SER A 10 3.57 1.89 -11.12
N PRO A 11 3.94 0.63 -11.41
CA PRO A 11 2.96 -0.45 -11.28
C PRO A 11 2.42 -0.56 -9.87
N LEU A 12 1.11 -0.77 -9.78
CA LEU A 12 0.36 -0.56 -8.55
C LEU A 12 -0.47 -1.80 -8.31
N HIS A 13 -0.14 -2.52 -7.24
CA HIS A 13 -0.88 -3.70 -6.81
C HIS A 13 -1.54 -3.41 -5.47
N ILE A 14 -2.85 -3.54 -5.43
CA ILE A 14 -3.60 -3.53 -4.18
C ILE A 14 -4.47 -4.78 -4.16
N GLY A 15 -4.20 -5.67 -3.21
CA GLY A 15 -4.60 -7.06 -3.32
C GLY A 15 -5.55 -7.45 -2.22
N THR A 16 -6.55 -8.28 -2.57
CA THR A 16 -7.41 -8.91 -1.59
C THR A 16 -6.69 -9.92 -0.70
N GLY A 17 -5.53 -10.42 -1.12
CA GLY A 17 -4.95 -11.62 -0.57
C GLY A 17 -5.28 -12.90 -1.32
N ASN A 18 -6.36 -12.91 -2.10
CA ASN A 18 -6.69 -14.04 -2.96
C ASN A 18 -5.78 -14.09 -4.18
N GLU A 19 -5.58 -15.31 -4.67
CA GLU A 19 -4.66 -15.57 -5.77
C GLU A 19 -5.38 -16.30 -6.89
N LEU A 20 -5.14 -15.87 -8.13
CA LEU A 20 -5.35 -16.75 -9.28
C LEU A 20 -4.37 -17.91 -9.26
N THR A 21 -4.90 -19.09 -9.57
CA THR A 21 -4.21 -20.36 -9.64
C THR A 21 -4.13 -20.82 -11.09
N PRO A 22 -3.26 -21.79 -11.40
CA PRO A 22 -3.22 -22.28 -12.79
C PRO A 22 -4.54 -22.85 -13.28
N VAL A 23 -5.40 -23.30 -12.36
CA VAL A 23 -6.77 -23.67 -12.74
C VAL A 23 -7.51 -22.50 -13.36
N ASP A 24 -7.12 -21.26 -13.05
CA ASP A 24 -7.83 -20.09 -13.50
C ASP A 24 -7.25 -19.45 -14.75
N ILE A 25 -6.07 -19.86 -15.22
CA ILE A 25 -5.39 -19.12 -16.28
C ILE A 25 -5.02 -20.07 -17.41
N TYR A 26 -5.03 -19.53 -18.62
CA TYR A 26 -4.32 -20.12 -19.75
C TYR A 26 -3.32 -19.10 -20.31
N PRO A 27 -2.01 -19.34 -20.22
CA PRO A 27 -1.07 -18.44 -20.89
C PRO A 27 -0.91 -18.79 -22.36
N ARG A 28 -0.73 -17.77 -23.19
CA ARG A 28 -0.24 -17.99 -24.55
C ARG A 28 0.52 -16.77 -25.01
N GLU A 29 1.76 -16.97 -25.48
CA GLU A 29 2.67 -15.86 -25.82
C GLU A 29 2.87 -15.01 -24.58
N ASN A 30 2.63 -13.69 -24.62
CA ASN A 30 2.74 -12.82 -23.44
C ASN A 30 1.38 -12.38 -22.90
N ILE A 31 0.32 -13.14 -23.15
CA ILE A 31 -1.00 -12.90 -22.60
C ILE A 31 -1.34 -14.03 -21.64
N ILE A 32 -1.71 -13.68 -20.41
CA ILE A 32 -2.44 -14.57 -19.50
C ILE A 32 -3.93 -14.42 -19.76
N HIS A 33 -4.59 -15.51 -20.14
CA HIS A 33 -6.05 -15.53 -20.21
C HIS A 33 -6.59 -15.90 -18.83
N VAL A 34 -7.47 -15.05 -18.29
CA VAL A 34 -8.16 -15.34 -17.04
C VAL A 34 -9.49 -16.01 -17.40
N LEU A 35 -9.57 -17.32 -17.19
CA LEU A 35 -10.57 -18.15 -17.85
C LEU A 35 -11.90 -18.09 -17.12
N ASP A 36 -12.98 -18.33 -17.86
CA ASP A 36 -14.25 -18.75 -17.27
C ASP A 36 -14.28 -20.27 -17.21
N THR A 37 -13.80 -20.81 -16.07
CA THR A 37 -13.59 -22.25 -15.99
C THR A 37 -14.91 -23.00 -16.09
N GLU A 38 -16.00 -22.38 -15.64
CA GLU A 38 -17.27 -23.08 -15.64
C GLU A 38 -17.75 -23.34 -17.07
N ARG A 39 -17.75 -22.30 -17.90
CA ARG A 39 -18.16 -22.48 -19.29
C ARG A 39 -17.19 -23.40 -20.04
N LEU A 40 -15.91 -23.37 -19.68
CA LEU A 40 -14.94 -24.30 -20.26
C LEU A 40 -15.23 -25.74 -19.87
N VAL A 41 -15.56 -25.99 -18.60
CA VAL A 41 -15.89 -27.37 -18.21
C VAL A 41 -17.19 -27.81 -18.88
N ASN A 42 -18.18 -26.93 -18.97
CA ASN A 42 -19.43 -27.34 -19.62
C ASN A 42 -19.23 -27.63 -21.10
N ASP A 43 -18.42 -26.82 -21.80
CA ASP A 43 -18.18 -27.09 -23.21
C ASP A 43 -17.39 -28.39 -23.42
N LEU A 44 -16.43 -28.68 -22.53
CA LEU A 44 -15.65 -29.91 -22.65
C LEU A 44 -16.51 -31.14 -22.40
N MET A 45 -17.49 -31.04 -21.52
CA MET A 45 -18.37 -32.18 -21.29
C MET A 45 -19.34 -32.40 -22.45
N ASN A 46 -19.70 -31.34 -23.17
CA ASN A 46 -20.48 -31.53 -24.39
C ASN A 46 -19.64 -31.97 -25.56
N LEU A 47 -18.32 -31.82 -25.47
CA LEU A 47 -17.38 -32.44 -26.40
C LEU A 47 -17.01 -33.87 -25.99
N GLY A 48 -17.63 -34.38 -24.92
CA GLY A 48 -17.46 -35.76 -24.54
C GLY A 48 -16.37 -36.05 -23.55
N VAL A 49 -15.64 -35.02 -23.07
CA VAL A 49 -14.85 -35.23 -21.88
C VAL A 49 -15.81 -35.51 -20.73
N GLU A 50 -15.64 -36.67 -20.09
CA GLU A 50 -16.45 -36.97 -18.93
C GLU A 50 -15.89 -36.26 -17.70
N LEU A 51 -16.78 -35.92 -16.76
CA LEU A 51 -16.41 -35.05 -15.66
C LEU A 51 -15.34 -35.68 -14.77
N ASN A 52 -15.34 -37.01 -14.68
CA ASN A 52 -14.36 -37.74 -13.87
C ASN A 52 -12.94 -37.37 -14.27
N GLU A 53 -12.69 -37.28 -15.57
CA GLU A 53 -11.35 -36.98 -16.05
C GLU A 53 -10.95 -35.55 -15.69
N ILE A 54 -11.88 -34.61 -15.77
CA ILE A 54 -11.61 -33.24 -15.35
C ILE A 54 -11.33 -33.19 -13.85
N LEU A 55 -12.12 -33.91 -13.05
CA LEU A 55 -11.90 -33.84 -11.61
C LEU A 55 -10.55 -34.43 -11.23
N ALA A 56 -10.13 -35.52 -11.90
CA ALA A 56 -8.82 -36.09 -11.63
C ALA A 56 -7.69 -35.16 -12.03
N LEU A 57 -7.87 -34.37 -13.09
CA LEU A 57 -6.88 -33.38 -13.48
C LEU A 57 -6.76 -32.28 -12.43
N LEU A 58 -7.89 -31.82 -11.88
CA LEU A 58 -7.82 -30.80 -10.84
C LEU A 58 -7.20 -31.35 -9.56
N LYS A 59 -7.42 -32.63 -9.27
CA LYS A 59 -6.84 -33.26 -8.09
C LYS A 59 -5.34 -33.48 -8.21
N ASN A 60 -4.85 -33.76 -9.42
CA ASN A 60 -3.44 -34.14 -9.65
C ASN A 60 -2.90 -33.39 -10.88
N PRO A 61 -2.60 -32.10 -10.73
CA PRO A 61 -2.14 -31.33 -11.89
C PRO A 61 -0.83 -31.88 -12.44
N PRO A 62 -0.64 -31.84 -13.76
CA PRO A 62 0.56 -32.45 -14.35
C PRO A 62 1.84 -31.75 -13.92
N GLY A 63 2.93 -32.51 -13.93
CA GLY A 63 4.21 -32.09 -13.40
C GLY A 63 5.06 -31.26 -14.32
N ASP A 64 4.58 -30.96 -15.53
CA ASP A 64 5.41 -30.34 -16.56
C ASP A 64 4.68 -29.24 -17.33
N ALA A 65 3.42 -29.45 -17.71
CA ALA A 65 2.60 -28.46 -18.39
C ALA A 65 1.60 -27.82 -17.42
N TYR A 66 0.76 -26.91 -17.94
CA TYR A 66 -0.35 -26.42 -17.12
C TYR A 66 -1.50 -27.41 -17.08
N ILE A 67 -2.66 -26.92 -16.66
CA ILE A 67 -3.85 -27.74 -16.53
C ILE A 67 -4.71 -27.70 -17.78
N TRP A 68 -5.00 -26.50 -18.28
CA TRP A 68 -5.87 -26.36 -19.43
C TRP A 68 -5.09 -26.31 -20.75
N LYS A 69 -3.76 -26.39 -20.70
CA LYS A 69 -2.99 -26.53 -21.94
C LYS A 69 -3.32 -27.82 -22.65
N GLY A 70 -3.58 -28.89 -21.91
CA GLY A 70 -3.86 -30.16 -22.55
C GLY A 70 -5.19 -30.14 -23.29
N TYR A 71 -6.20 -29.48 -22.72
CA TYR A 71 -7.51 -29.52 -23.35
C TYR A 71 -7.70 -28.45 -24.41
N ILE A 72 -7.23 -27.22 -24.12
CA ILE A 72 -7.35 -26.15 -25.10
C ILE A 72 -6.58 -26.52 -26.35
N GLU A 73 -5.48 -27.24 -26.23
CA GLU A 73 -4.65 -27.61 -27.38
C GLU A 73 -4.95 -29.01 -27.92
N GLU A 74 -5.80 -29.79 -27.24
CA GLU A 74 -6.32 -31.03 -27.81
C GLU A 74 -7.57 -30.80 -28.64
N PHE A 75 -8.44 -29.89 -28.21
CA PHE A 75 -9.73 -29.68 -28.86
C PHE A 75 -9.74 -28.42 -29.73
N HIS A 76 -8.58 -27.78 -29.91
CA HIS A 76 -8.43 -26.64 -30.80
C HIS A 76 -9.40 -25.52 -30.42
N LEU A 77 -9.55 -25.32 -29.10
CA LEU A 77 -10.40 -24.27 -28.56
C LEU A 77 -9.73 -22.91 -28.71
N ASP A 78 -10.54 -21.87 -28.84
CA ASP A 78 -10.02 -20.52 -28.84
C ASP A 78 -9.97 -20.01 -27.41
N PRO A 79 -8.79 -19.73 -26.86
CA PRO A 79 -8.74 -19.27 -25.47
C PRO A 79 -9.53 -18.00 -25.26
N SER A 80 -9.60 -17.12 -26.27
CA SER A 80 -10.38 -15.90 -26.14
C SER A 80 -11.86 -16.18 -25.97
N ASP A 81 -12.34 -17.33 -26.43
CA ASP A 81 -13.74 -17.66 -26.22
C ASP A 81 -14.04 -17.96 -24.76
N TYR A 82 -13.02 -18.24 -23.95
CA TYR A 82 -13.23 -18.56 -22.55
C TYR A 82 -12.60 -17.53 -21.61
N SER A 83 -12.04 -16.46 -22.14
CA SER A 83 -11.40 -15.43 -21.34
C SER A 83 -12.45 -14.48 -20.76
N ILE A 84 -12.43 -14.31 -19.44
CA ILE A 84 -13.09 -13.16 -18.83
C ILE A 84 -12.36 -11.87 -19.17
N TYR A 85 -11.04 -11.88 -19.00
CA TYR A 85 -10.18 -10.77 -19.40
C TYR A 85 -8.76 -11.31 -19.50
N THR A 86 -7.86 -10.45 -19.95
CA THR A 86 -6.50 -10.85 -20.30
C THR A 86 -5.52 -9.91 -19.61
N LEU A 87 -4.31 -10.41 -19.42
CA LEU A 87 -3.25 -9.70 -18.72
C LEU A 87 -2.00 -9.81 -19.59
N LYS A 88 -1.49 -8.68 -20.06
CA LYS A 88 -0.13 -8.67 -20.62
C LYS A 88 0.89 -9.03 -19.53
N ILE A 89 1.89 -9.83 -19.90
CA ILE A 89 2.92 -10.28 -18.97
C ILE A 89 4.07 -9.29 -18.97
N HIS A 90 4.58 -8.95 -17.78
CA HIS A 90 5.78 -8.15 -17.62
C HIS A 90 6.78 -8.91 -16.75
N GLY A 91 7.79 -9.50 -17.37
CA GLY A 91 8.89 -10.15 -16.66
C GLY A 91 9.04 -11.61 -17.05
N LYS A 92 10.00 -12.27 -16.41
CA LYS A 92 10.35 -13.64 -16.77
C LYS A 92 9.20 -14.57 -16.46
N ILE A 93 8.68 -15.22 -17.49
CA ILE A 93 7.46 -16.01 -17.35
C ILE A 93 7.68 -17.23 -16.45
N GLY A 94 6.62 -17.60 -15.73
CA GLY A 94 6.69 -18.74 -14.84
C GLY A 94 6.83 -20.05 -15.59
N ARG A 95 7.61 -20.99 -15.03
CA ARG A 95 7.89 -22.21 -15.78
C ARG A 95 6.61 -22.96 -16.10
N LYS A 96 5.88 -23.41 -15.07
CA LYS A 96 4.85 -24.42 -15.25
C LYS A 96 3.56 -24.02 -14.57
N SER A 97 3.71 -23.45 -13.39
CA SER A 97 2.57 -23.01 -12.62
C SER A 97 2.85 -21.56 -12.28
N MET A 98 1.88 -20.72 -12.53
CA MET A 98 2.02 -19.32 -12.26
C MET A 98 0.91 -18.98 -11.27
N GLN A 99 1.21 -18.13 -10.31
CA GLN A 99 0.26 -17.87 -9.24
C GLN A 99 0.28 -16.38 -8.97
N ILE A 100 -0.88 -15.74 -9.10
CA ILE A 100 -0.94 -14.30 -9.32
C ILE A 100 -1.79 -13.69 -8.21
N LYS A 101 -1.19 -12.78 -7.43
CA LYS A 101 -1.97 -12.02 -6.47
C LYS A 101 -3.02 -11.20 -7.20
N GLU A 102 -4.28 -11.47 -6.90
CA GLU A 102 -5.34 -10.77 -7.58
C GLU A 102 -5.42 -9.34 -7.07
N PHE A 103 -5.88 -8.43 -7.94
CA PHE A 103 -6.04 -7.04 -7.57
C PHE A 103 -7.51 -6.77 -7.26
N ILE A 104 -7.74 -5.96 -6.22
CA ILE A 104 -9.05 -5.87 -5.61
C ILE A 104 -10.05 -5.29 -6.59
N LYS A 105 -11.26 -5.82 -6.56
CA LYS A 105 -12.27 -5.49 -7.55
C LYS A 105 -13.60 -5.34 -6.83
N LEU A 106 -14.50 -4.57 -7.42
CA LEU A 106 -15.91 -4.68 -7.10
C LEU A 106 -16.66 -5.01 -8.38
N ASN A 107 -17.40 -6.12 -8.36
CA ASN A 107 -18.20 -6.56 -9.51
C ASN A 107 -17.35 -6.65 -10.77
N GLY A 108 -16.13 -7.17 -10.61
CA GLY A 108 -15.21 -7.41 -11.71
C GLY A 108 -14.34 -6.24 -12.13
N ARG A 109 -14.43 -5.10 -11.44
CA ARG A 109 -13.82 -3.87 -11.90
C ARG A 109 -12.80 -3.40 -10.88
N PRO A 110 -11.54 -3.25 -11.26
CA PRO A 110 -10.53 -2.74 -10.31
C PRO A 110 -10.79 -1.29 -9.89
N TYR A 111 -10.37 -0.98 -8.67
CA TYR A 111 -10.44 0.39 -8.16
C TYR A 111 -9.38 0.55 -7.07
N ILE A 112 -9.03 1.80 -6.78
CA ILE A 112 -8.21 2.14 -5.62
C ILE A 112 -9.15 2.33 -4.43
N PRO A 113 -9.04 1.50 -3.38
CA PRO A 113 -9.82 1.79 -2.17
C PRO A 113 -9.38 3.11 -1.55
N GLY A 114 -10.36 3.81 -0.97
CA GLY A 114 -10.05 5.02 -0.21
C GLY A 114 -9.15 4.78 0.99
N SER A 115 -9.24 3.60 1.62
CA SER A 115 -8.32 3.33 2.71
C SER A 115 -6.86 3.29 2.25
N SER A 116 -6.61 2.89 1.01
CA SER A 116 -5.23 2.90 0.50
C SER A 116 -4.72 4.32 0.33
N LEU A 117 -5.55 5.20 -0.20
CA LEU A 117 -5.09 6.56 -0.43
C LEU A 117 -4.95 7.30 0.89
N LYS A 118 -5.93 7.15 1.77
CA LYS A 118 -5.90 7.79 3.07
C LYS A 118 -4.77 7.25 3.94
N GLY A 119 -4.42 5.97 3.79
CA GLY A 119 -3.31 5.42 4.54
C GLY A 119 -1.96 5.97 4.10
N ALA A 120 -1.78 6.21 2.81
CA ALA A 120 -0.58 6.90 2.35
C ALA A 120 -0.51 8.33 2.86
N ILE A 121 -1.67 9.00 2.95
CA ILE A 121 -1.69 10.34 3.51
C ILE A 121 -1.42 10.29 5.00
N ARG A 122 -2.02 9.32 5.70
CA ARG A 122 -1.86 9.21 7.14
C ARG A 122 -0.40 8.93 7.51
N THR A 123 0.30 8.13 6.71
CA THR A 123 1.70 7.87 7.00
C THR A 123 2.52 9.14 6.88
N ALA A 124 2.19 10.01 5.93
CA ALA A 124 2.95 11.24 5.77
C ALA A 124 2.66 12.23 6.88
N VAL A 125 1.40 12.29 7.32
CA VAL A 125 1.02 13.13 8.45
C VAL A 125 1.75 12.72 9.72
N LEU A 126 1.91 11.41 9.94
CA LEU A 126 2.71 10.95 11.06
C LEU A 126 4.12 11.52 11.00
N TYR A 127 4.73 11.51 9.82
CA TYR A 127 6.11 11.94 9.64
C TYR A 127 6.28 13.41 9.98
N LYS A 128 5.39 14.27 9.49
CA LYS A 128 5.53 15.69 9.75
C LYS A 128 5.30 15.99 11.23
N ALA A 129 4.29 15.34 11.83
CA ALA A 129 3.97 15.60 13.23
C ALA A 129 5.15 15.23 14.13
N LEU A 130 5.68 14.02 13.96
CA LEU A 130 6.86 13.60 14.71
C LEU A 130 8.10 14.40 14.33
N LYS A 131 8.24 14.82 13.07
CA LYS A 131 9.43 15.54 12.69
C LYS A 131 9.45 16.94 13.32
N GLU A 132 8.29 17.60 13.35
CA GLU A 132 8.19 18.99 13.78
C GLU A 132 7.82 19.14 15.25
N CYS A 133 6.94 18.29 15.78
CA CYS A 133 6.41 18.46 17.13
C CYS A 133 6.76 17.29 18.05
N GLY A 134 7.80 16.54 17.72
CA GLY A 134 8.19 15.34 18.43
C GLY A 134 9.10 15.56 19.62
N ASP A 135 9.29 16.82 20.01
CA ASP A 135 10.10 17.13 21.17
C ASP A 135 9.44 16.66 22.44
N ALA A 136 10.27 16.43 23.46
CA ALA A 136 9.77 15.91 24.73
C ALA A 136 8.74 16.83 25.35
N ARG A 137 8.89 18.15 25.18
CA ARG A 137 7.96 19.07 25.82
C ARG A 137 6.57 18.97 25.19
N ALA A 138 6.49 19.00 23.86
CA ALA A 138 5.18 19.02 23.22
C ALA A 138 4.46 17.71 23.43
N VAL A 139 5.17 16.60 23.36
CA VAL A 139 4.52 15.30 23.48
C VAL A 139 4.07 15.06 24.90
N MET A 140 4.84 15.56 25.87
CA MET A 140 4.42 15.42 27.25
C MET A 140 3.18 16.24 27.54
N ARG A 141 3.08 17.43 26.94
CA ARG A 141 1.88 18.24 27.14
C ARG A 141 0.65 17.53 26.59
N VAL A 142 0.81 16.81 25.47
CA VAL A 142 -0.29 16.06 24.90
C VAL A 142 -0.70 14.93 25.83
N VAL A 143 0.27 14.09 26.20
CA VAL A 143 -0.03 12.86 26.94
C VAL A 143 -0.37 13.15 28.39
N SER A 144 0.11 14.26 28.97
CA SER A 144 -0.18 14.55 30.38
C SER A 144 -1.66 14.77 30.63
N LYS A 145 -2.40 15.17 29.61
CA LYS A 145 -3.83 15.40 29.75
C LYS A 145 -4.65 14.11 29.67
N VAL A 146 -3.99 12.96 29.53
CA VAL A 146 -4.68 11.68 29.38
C VAL A 146 -4.14 10.64 30.36
N ASN A 147 -2.82 10.49 30.41
CA ASN A 147 -2.20 9.61 31.40
C ASN A 147 -0.85 10.21 31.78
N GLY A 148 -0.73 10.67 33.02
CA GLY A 148 0.49 11.32 33.42
C GLY A 148 1.63 10.38 33.71
N ASP A 149 1.34 9.09 33.87
CA ASP A 149 2.41 8.13 34.03
C ASP A 149 3.15 7.91 32.71
N VAL A 150 2.40 7.71 31.62
CA VAL A 150 3.04 7.63 30.31
C VAL A 150 3.76 8.93 29.98
N ALA A 151 3.11 10.07 30.26
CA ALA A 151 3.75 11.34 29.93
C ALA A 151 5.01 11.57 30.76
N ARG A 152 5.05 11.01 31.96
CA ARG A 152 6.28 11.06 32.73
C ARG A 152 7.31 10.06 32.21
N ASP A 153 6.86 8.90 31.74
CA ASP A 153 7.82 7.94 31.23
C ASP A 153 8.43 8.41 29.91
N ILE A 154 7.62 9.03 29.04
CA ILE A 154 8.17 9.50 27.77
C ILE A 154 9.21 10.59 28.01
N GLY A 155 9.05 11.35 29.09
CA GLY A 155 9.68 12.65 29.15
C GLY A 155 11.16 12.64 29.45
N ARG A 156 11.61 11.66 30.23
CA ARG A 156 13.05 11.47 30.43
C ARG A 156 13.55 10.41 29.47
N SER A 157 13.53 10.79 28.18
CA SER A 157 14.06 9.94 27.12
C SER A 157 14.35 10.77 25.86
N GLU A 158 14.64 12.05 26.04
CA GLU A 158 14.99 12.99 24.96
C GLU A 158 13.82 13.05 23.98
N ASP A 159 14.04 12.90 22.68
CA ASP A 159 12.96 12.98 21.72
C ASP A 159 12.11 11.70 21.76
N VAL A 160 10.90 11.82 21.21
CA VAL A 160 9.99 10.69 21.13
C VAL A 160 10.53 9.60 20.22
N LEU A 161 11.43 9.96 19.31
CA LEU A 161 12.15 8.95 18.54
C LEU A 161 12.93 8.03 19.47
N ASP A 162 13.68 8.61 20.42
CA ASP A 162 14.41 7.81 21.39
C ASP A 162 13.49 7.12 22.39
N TYR A 163 12.33 7.71 22.68
CA TYR A 163 11.38 7.02 23.54
C TYR A 163 10.81 5.77 22.88
N TYR A 164 10.48 5.85 21.58
CA TYR A 164 10.02 4.67 20.86
C TYR A 164 11.08 3.57 20.86
N MET A 165 12.36 3.95 20.80
CA MET A 165 13.40 2.95 20.64
C MET A 165 13.78 2.33 21.97
N SER A 166 13.78 3.12 23.05
CA SER A 166 13.96 2.54 24.39
C SER A 166 12.80 1.62 24.75
N PHE A 167 11.58 1.98 24.33
CA PHE A 167 10.42 1.16 24.67
C PHE A 167 10.48 -0.20 23.98
N LEU A 168 10.91 -0.22 22.71
CA LEU A 168 11.11 -1.49 22.02
C LEU A 168 12.22 -2.31 22.66
N SER A 169 13.17 -1.66 23.31
CA SER A 169 14.28 -2.32 23.97
C SER A 169 14.15 -2.20 25.49
N ASP A 174 6.19 -6.90 21.34
CA ASP A 174 6.57 -5.66 22.02
C ASP A 174 6.76 -4.54 21.00
N ARG A 175 6.72 -4.88 19.70
CA ARG A 175 6.58 -3.87 18.66
C ARG A 175 5.15 -3.41 18.47
N LYS A 176 4.19 -4.33 18.48
CA LYS A 176 2.81 -3.92 18.26
C LYS A 176 2.35 -3.01 19.38
N ARG A 177 2.88 -3.20 20.60
CA ARG A 177 2.54 -2.29 21.69
C ARG A 177 3.09 -0.90 21.43
N ALA A 178 4.39 -0.78 21.12
CA ALA A 178 4.97 0.54 20.91
C ALA A 178 4.31 1.22 19.72
N ASP A 179 3.96 0.42 18.72
CA ASP A 179 3.38 0.90 17.49
C ASP A 179 1.98 1.46 17.75
N ASP A 180 1.15 0.72 18.49
CA ASP A 180 -0.17 1.21 18.91
C ASP A 180 -0.06 2.36 19.90
N LEU A 181 0.97 2.37 20.75
CA LEU A 181 1.12 3.47 21.69
C LEU A 181 1.43 4.76 20.95
N LEU A 182 2.23 4.67 19.89
CA LEU A 182 2.63 5.84 19.13
C LEU A 182 1.49 6.33 18.23
N GLU A 183 0.71 5.41 17.68
CA GLU A 183 -0.45 5.83 16.91
C GLU A 183 -1.45 6.58 17.79
N ALA A 184 -1.60 6.16 19.05
CA ALA A 184 -2.52 6.87 19.93
C ALA A 184 -1.98 8.25 20.31
N ILE A 185 -0.67 8.37 20.55
CA ILE A 185 -0.13 9.67 20.95
C ILE A 185 -0.24 10.68 19.82
N VAL A 186 -0.07 10.24 18.58
CA VAL A 186 -0.09 11.17 17.46
C VAL A 186 -1.52 11.45 17.01
N PHE A 187 -2.33 10.40 16.91
CA PHE A 187 -3.59 10.48 16.17
C PHE A 187 -4.81 10.45 17.09
N GLY A 188 -4.62 10.43 18.40
CA GLY A 188 -5.73 10.59 19.31
C GLY A 188 -5.96 9.40 20.22
N MET A 189 -6.37 9.68 21.46
CA MET A 189 -6.17 8.75 22.55
C MET A 189 -7.26 8.93 23.60
N GLU A 190 -7.59 7.82 24.25
CA GLU A 190 -8.47 7.81 25.38
C GLU A 190 -7.72 7.11 26.51
N PRO A 191 -7.92 7.53 27.76
CA PRO A 191 -7.43 6.72 28.88
C PRO A 191 -8.14 5.37 28.88
N ASP A 192 -7.42 4.34 29.30
CA ASP A 192 -8.03 3.04 29.44
C ASP A 192 -7.42 2.34 30.65
N ARG A 193 -8.26 1.70 31.47
CA ARG A 193 -7.74 1.25 32.76
C ARG A 193 -6.81 0.05 32.61
N ARG A 194 -7.14 -0.92 31.75
CA ARG A 194 -6.22 -2.02 31.52
C ARG A 194 -5.02 -1.65 30.68
N SER A 195 -5.10 -0.55 29.95
CA SER A 195 -4.09 -0.23 28.96
C SER A 195 -3.93 1.28 29.00
N LYS A 196 -2.78 1.75 29.46
CA LYS A 196 -2.69 3.08 30.04
C LYS A 196 -3.14 4.15 29.04
N ILE A 197 -2.92 3.90 27.74
CA ILE A 197 -3.37 4.73 26.62
C ILE A 197 -3.98 3.82 25.56
N ARG A 198 -5.04 4.28 24.91
CA ARG A 198 -5.58 3.60 23.73
C ARG A 198 -5.95 4.59 22.65
N TYR A 199 -5.68 4.21 21.41
CA TYR A 199 -6.13 4.99 20.26
C TYR A 199 -7.65 5.05 20.22
N GLU A 200 -8.17 6.26 20.03
CA GLU A 200 -9.59 6.51 19.86
C GLU A 200 -9.85 7.15 18.50
N PRO A 201 -10.52 6.45 17.58
CA PRO A 201 -10.87 7.08 16.29
C PRO A 201 -11.71 8.33 16.43
N LYS A 202 -12.59 8.38 17.43
CA LYS A 202 -13.45 9.53 17.62
C LYS A 202 -12.64 10.81 17.87
N ARG A 203 -11.43 10.69 18.42
CA ARG A 203 -10.61 11.84 18.74
C ARG A 203 -9.54 12.14 17.69
N ASP A 204 -9.62 11.50 16.51
CA ASP A 204 -8.58 11.57 15.48
C ASP A 204 -8.90 12.68 14.48
N PRO A 205 -8.03 13.67 14.32
CA PRO A 205 -8.29 14.72 13.31
C PRO A 205 -8.47 14.18 11.90
N MET A 206 -7.81 13.07 11.56
CA MET A 206 -7.96 12.44 10.26
C MET A 206 -9.40 12.00 9.96
N LYS A 207 -10.26 11.93 10.98
CA LYS A 207 -11.69 11.74 10.76
C LYS A 207 -12.27 12.83 9.86
N ALA A 208 -11.69 14.03 9.89
CA ALA A 208 -12.21 15.13 9.09
C ALA A 208 -11.85 15.02 7.62
N LEU A 209 -10.92 14.14 7.26
CA LEU A 209 -10.53 13.97 5.86
C LEU A 209 -11.31 12.81 5.24
N ILE A 210 -12.05 13.10 4.18
CA ILE A 210 -12.98 12.14 3.57
C ILE A 210 -12.34 11.64 2.29
N VAL A 211 -12.00 10.35 2.24
CA VAL A 211 -11.40 9.76 1.04
C VAL A 211 -12.31 8.62 0.60
N ARG A 212 -13.08 8.86 -0.46
CA ARG A 212 -13.88 7.81 -1.08
C ARG A 212 -13.01 6.86 -1.92
N ASP A 213 -13.53 5.66 -2.14
CA ASP A 213 -12.98 4.77 -3.16
C ASP A 213 -13.00 5.45 -4.52
N SER A 214 -11.98 5.16 -5.33
CA SER A 214 -11.94 5.73 -6.67
C SER A 214 -13.07 5.16 -7.53
N LYS A 215 -13.37 5.88 -8.60
CA LYS A 215 -14.11 5.28 -9.69
C LYS A 215 -13.32 4.12 -10.29
N PRO A 216 -14.00 3.15 -10.92
CA PRO A 216 -13.30 1.97 -11.46
C PRO A 216 -12.31 2.37 -12.54
N VAL A 217 -11.19 1.64 -12.59
CA VAL A 217 -10.30 1.60 -13.74
C VAL A 217 -10.77 0.50 -14.69
N GLY A 218 -10.65 0.73 -15.99
CA GLY A 218 -10.89 -0.35 -16.93
C GLY A 218 -9.90 -1.48 -16.72
N ARG A 219 -10.38 -2.72 -16.89
CA ARG A 219 -9.49 -3.87 -16.76
C ARG A 219 -8.39 -3.87 -17.79
N LYS A 220 -8.58 -3.14 -18.89
CA LYS A 220 -7.54 -3.07 -19.93
C LYS A 220 -6.21 -2.56 -19.36
N HIS A 221 -6.25 -1.80 -18.28
CA HIS A 221 -5.05 -1.30 -17.61
C HIS A 221 -4.47 -2.28 -16.58
N LEU A 222 -5.17 -3.35 -16.22
CA LEU A 222 -4.53 -4.46 -15.52
C LEU A 222 -3.56 -5.23 -16.40
N ALA A 223 -2.40 -5.55 -15.83
CA ALA A 223 -1.44 -6.51 -16.36
C ALA A 223 -0.89 -7.35 -15.22
N VAL A 224 0.00 -8.27 -15.54
CA VAL A 224 0.65 -9.12 -14.54
C VAL A 224 2.15 -8.83 -14.56
N TYR A 225 2.75 -8.70 -13.37
CA TYR A 225 4.13 -8.28 -13.21
C TYR A 225 4.84 -9.32 -12.36
N HIS A 226 6.02 -9.74 -12.81
CA HIS A 226 6.96 -10.44 -11.94
C HIS A 226 7.54 -9.46 -10.91
N VAL A 227 7.60 -9.90 -9.66
CA VAL A 227 8.02 -9.04 -8.55
C VAL A 227 9.28 -9.61 -7.92
N GLU A 228 10.22 -8.73 -7.63
CA GLU A 228 11.49 -9.05 -6.97
C GLU A 228 11.56 -8.30 -5.65
N VAL A 229 12.36 -8.80 -4.70
CA VAL A 229 12.61 -8.09 -3.45
C VAL A 229 14.10 -7.86 -3.31
N ILE A 230 14.50 -6.60 -3.10
CA ILE A 230 15.92 -6.29 -2.97
C ILE A 230 16.51 -6.91 -1.71
N GLY A 231 15.73 -6.96 -0.63
CA GLY A 231 16.27 -7.33 0.67
C GLY A 231 15.99 -8.76 1.10
N ASN A 232 15.08 -9.43 0.39
CA ASN A 232 14.65 -10.76 0.79
C ASN A 232 14.76 -11.71 -0.40
N PRO A 233 15.33 -12.91 -0.21
CA PRO A 233 15.37 -13.88 -1.30
C PRO A 233 14.29 -14.95 -1.18
N GLN A 234 13.45 -15.10 -2.19
CA GLN A 234 12.38 -16.09 -2.13
C GLN A 234 12.49 -17.06 -3.31
N PRO A 235 12.61 -18.36 -3.07
CA PRO A 235 12.67 -19.30 -4.20
C PRO A 235 11.47 -19.24 -5.11
N ILE A 236 10.28 -18.98 -4.57
CA ILE A 236 9.05 -18.98 -5.37
C ILE A 236 8.86 -17.64 -6.05
N PRO A 237 8.68 -17.60 -7.38
CA PRO A 237 8.42 -16.31 -8.05
C PRO A 237 7.12 -15.68 -7.57
N ILE A 238 7.11 -14.36 -7.54
CA ILE A 238 5.94 -13.59 -7.10
C ILE A 238 5.33 -12.89 -8.31
N TRP A 239 4.01 -13.01 -8.44
CA TRP A 239 3.28 -12.44 -9.57
C TRP A 239 2.05 -11.73 -9.05
N VAL A 240 1.83 -10.49 -9.50
CA VAL A 240 0.73 -9.66 -9.03
C VAL A 240 0.00 -9.06 -10.23
N GLU A 241 -1.33 -9.07 -10.20
CA GLU A 241 -2.07 -8.11 -10.98
C GLU A 241 -1.79 -6.70 -10.48
N ALA A 242 -1.51 -5.79 -11.41
CA ALA A 242 -1.18 -4.42 -11.07
C ALA A 242 -1.69 -3.51 -12.18
N ILE A 243 -2.17 -2.33 -11.79
CA ILE A 243 -2.52 -1.32 -12.78
C ILE A 243 -1.27 -0.78 -13.45
N GLU A 244 -1.32 -0.64 -14.78
CA GLU A 244 -0.17 -0.19 -15.55
C GLU A 244 0.07 1.30 -15.36
N PRO A 245 1.32 1.75 -15.49
CA PRO A 245 1.58 3.20 -15.40
C PRO A 245 0.83 3.97 -16.49
N GLY A 246 0.32 5.13 -16.12
CA GLY A 246 -0.41 5.99 -17.03
C GLY A 246 -1.91 5.79 -17.02
N ALA A 247 -2.41 4.72 -16.42
CA ALA A 247 -3.84 4.60 -16.17
C ALA A 247 -4.31 5.70 -15.21
N ALA A 248 -5.55 6.14 -15.41
CA ALA A 248 -6.07 7.30 -14.69
C ALA A 248 -7.51 7.04 -14.29
N THR A 249 -7.87 7.51 -13.09
CA THR A 249 -9.24 7.48 -12.61
C THR A 249 -9.49 8.77 -11.82
N ASP A 250 -10.64 8.85 -11.15
CA ASP A 250 -10.99 9.99 -10.33
C ASP A 250 -11.30 9.52 -8.92
N VAL A 251 -11.06 10.40 -7.94
CA VAL A 251 -11.32 10.11 -6.54
C VAL A 251 -12.04 11.30 -5.92
N GLU A 252 -13.01 11.02 -5.06
CA GLU A 252 -13.59 12.04 -4.18
C GLU A 252 -12.74 12.15 -2.92
N ILE A 253 -12.15 13.32 -2.71
CA ILE A 253 -11.28 13.56 -1.57
C ILE A 253 -11.41 15.02 -1.19
N HIS A 254 -11.69 15.28 0.09
CA HIS A 254 -11.92 16.63 0.56
C HIS A 254 -12.01 16.63 2.08
N VAL A 255 -11.88 17.83 2.64
CA VAL A 255 -11.86 18.02 4.08
C VAL A 255 -13.25 18.37 4.56
N ASP A 256 -13.72 17.66 5.57
CA ASP A 256 -15.04 17.90 6.14
C ASP A 256 -14.89 19.02 7.16
N THR A 257 -15.06 20.25 6.67
CA THR A 257 -14.84 21.41 7.52
C THR A 257 -15.84 21.47 8.67
N GLU A 258 -17.07 20.97 8.46
CA GLU A 258 -18.02 20.97 9.56
C GLU A 258 -17.56 20.05 10.68
N ALA A 259 -17.06 18.86 10.34
CA ALA A 259 -16.55 17.97 11.37
C ALA A 259 -15.37 18.59 12.09
N LEU A 260 -14.58 19.38 11.38
CA LEU A 260 -13.34 19.85 11.96
C LEU A 260 -13.61 20.94 13.00
N ARG A 261 -14.53 21.86 12.69
CA ARG A 261 -14.95 22.84 13.68
C ARG A 261 -15.71 22.20 14.83
N LEU A 262 -16.43 21.13 14.56
CA LEU A 262 -17.40 20.63 15.52
C LEU A 262 -16.71 19.84 16.62
N ASN A 263 -15.70 19.06 16.27
CA ASN A 263 -14.90 18.29 17.21
C ASN A 263 -13.68 19.04 17.69
N ALA A 264 -13.65 20.37 17.54
CA ALA A 264 -12.43 21.13 17.81
C ALA A 264 -11.97 21.01 19.26
N ASP A 265 -12.89 20.87 20.21
CA ASP A 265 -12.49 20.62 21.58
C ASP A 265 -12.27 19.16 21.90
N TYR A 266 -12.66 18.24 21.00
CA TYR A 266 -12.67 16.83 21.33
C TYR A 266 -11.48 16.08 20.77
N PHE A 267 -10.84 16.63 19.74
CA PHE A 267 -9.60 16.09 19.22
C PHE A 267 -8.50 16.20 20.26
N ASN A 268 -7.58 15.25 20.22
CA ASN A 268 -6.36 15.35 21.00
C ASN A 268 -5.26 14.61 20.27
N GLY A 269 -4.05 14.70 20.79
CA GLY A 269 -2.91 13.99 20.26
C GLY A 269 -1.93 14.92 19.58
N LEU A 270 -0.77 14.37 19.26
CA LEU A 270 0.34 15.18 18.82
C LEU A 270 0.01 15.95 17.55
N LEU A 271 -0.80 15.38 16.65
CA LEU A 271 -1.11 16.03 15.37
C LEU A 271 -1.98 17.26 15.57
N TRP A 272 -3.00 17.17 16.41
CA TRP A 272 -3.84 18.33 16.70
C TRP A 272 -3.08 19.39 17.50
N GLU A 273 -2.18 18.97 18.39
CA GLU A 273 -1.29 19.92 19.03
C GLU A 273 -0.45 20.66 17.99
N CYS A 274 0.00 19.95 16.97
CA CYS A 274 0.99 20.50 16.06
C CYS A 274 0.35 21.50 15.11
N LEU A 275 -0.91 21.25 14.75
CA LEU A 275 -1.72 22.25 14.06
C LEU A 275 -1.98 23.47 14.93
N LYS A 276 -2.18 23.26 16.24
CA LYS A 276 -2.48 24.38 17.14
C LYS A 276 -1.30 25.32 17.28
N GLU A 277 -0.06 24.78 17.23
CA GLU A 277 1.12 25.64 17.30
C GLU A 277 1.23 26.52 16.06
N ARG A 278 0.54 26.15 14.99
CA ARG A 278 0.73 26.75 13.69
C ARG A 278 -0.39 27.73 13.35
N GLY A 279 -1.27 28.02 14.31
CA GLY A 279 -2.47 28.78 14.03
C GLY A 279 -3.69 28.08 14.59
N GLU A 280 -4.87 28.50 14.12
CA GLU A 280 -6.10 27.84 14.50
C GLU A 280 -6.18 26.48 13.83
N PRO A 281 -6.31 25.39 14.60
CA PRO A 281 -6.01 24.06 14.04
C PRO A 281 -6.85 23.70 12.83
N GLY A 282 -8.11 24.14 12.80
CA GLY A 282 -9.00 23.70 11.74
C GLY A 282 -8.75 24.36 10.41
N GLU A 283 -8.08 25.52 10.39
CA GLU A 283 -7.68 26.12 9.13
C GLU A 283 -6.32 25.64 8.65
N VAL A 284 -5.42 25.25 9.57
CA VAL A 284 -4.11 24.78 9.17
C VAL A 284 -4.19 23.37 8.55
N PHE A 285 -5.31 22.68 8.78
CA PHE A 285 -5.34 21.22 8.68
C PHE A 285 -5.05 20.75 7.26
N GLU A 286 -5.82 21.24 6.29
CA GLU A 286 -5.61 20.82 4.91
C GLU A 286 -4.24 21.24 4.39
N ASP A 287 -3.73 22.38 4.84
CA ASP A 287 -2.40 22.82 4.42
C ASP A 287 -1.32 21.91 4.99
N PHE A 288 -1.40 21.63 6.29
CA PHE A 288 -0.43 20.75 6.93
C PHE A 288 -0.47 19.36 6.32
N LEU A 289 -1.67 18.92 5.92
CA LEU A 289 -1.83 17.59 5.37
C LEU A 289 -1.07 17.45 4.06
N TRP A 290 -1.21 18.43 3.16
CA TRP A 290 -0.59 18.26 1.85
C TRP A 290 0.88 18.64 1.85
N GLU A 291 1.30 19.57 2.71
CA GLU A 291 2.72 19.71 2.99
C GLU A 291 3.32 18.40 3.47
N ALA A 292 2.61 17.70 4.36
CA ALA A 292 3.16 16.44 4.88
C ALA A 292 3.31 15.40 3.79
N VAL A 293 2.38 15.37 2.82
CA VAL A 293 2.53 14.43 1.71
C VAL A 293 3.74 14.79 0.85
N ASP A 294 3.99 16.08 0.66
CA ASP A 294 5.13 16.50 -0.14
C ASP A 294 6.45 16.23 0.57
N GLU A 295 6.58 16.64 1.85
CA GLU A 295 7.83 16.37 2.58
C GLU A 295 8.12 14.87 2.64
N PHE A 296 7.11 14.07 2.99
CA PHE A 296 7.39 12.68 3.32
C PHE A 296 7.82 11.89 2.09
N TYR A 297 7.04 11.97 1.01
CA TYR A 297 7.36 11.15 -0.14
C TYR A 297 8.52 11.67 -0.97
N THR A 298 8.90 12.94 -0.80
CA THR A 298 10.25 13.33 -1.17
C THR A 298 11.29 12.51 -0.42
N ALA A 299 11.17 12.44 0.91
CA ALA A 299 12.15 11.67 1.68
C ALA A 299 12.07 10.18 1.36
N VAL A 300 10.87 9.69 1.04
CA VAL A 300 10.71 8.29 0.66
C VAL A 300 11.51 7.99 -0.61
N MET A 301 11.31 8.80 -1.65
CA MET A 301 11.94 8.47 -2.91
C MET A 301 13.45 8.62 -2.84
N LYS A 302 13.95 9.50 -1.96
CA LYS A 302 15.40 9.63 -1.82
C LYS A 302 16.01 8.36 -1.26
N TYR A 303 15.37 7.76 -0.25
CA TYR A 303 15.90 6.54 0.33
C TYR A 303 15.44 5.29 -0.38
N GLU A 304 14.33 5.34 -1.12
CA GLU A 304 14.06 4.26 -2.06
C GLU A 304 15.12 4.24 -3.16
N THR A 305 15.58 5.42 -3.59
CA THR A 305 16.64 5.48 -4.59
C THR A 305 17.94 4.89 -4.07
N ILE A 306 18.34 5.30 -2.86
CA ILE A 306 19.56 4.79 -2.27
C ILE A 306 19.47 3.28 -2.04
N GLU A 307 18.27 2.77 -1.78
CA GLU A 307 18.14 1.35 -1.48
C GLU A 307 18.19 0.50 -2.75
N VAL A 308 17.54 0.94 -3.82
CA VAL A 308 17.55 0.23 -5.10
C VAL A 308 18.95 0.24 -5.73
N GLN A 309 19.72 1.29 -5.51
CA GLN A 309 21.07 1.30 -6.06
C GLN A 309 22.06 0.56 -5.17
N LYS A 310 21.71 0.34 -3.90
CA LYS A 310 22.52 -0.49 -3.02
C LYS A 310 22.40 -1.96 -3.36
N PHE A 311 21.40 -2.35 -4.14
CA PHE A 311 21.21 -3.73 -4.59
C PHE A 311 21.32 -3.85 -6.10
N GLY A 312 21.91 -2.87 -6.77
CA GLY A 312 22.44 -3.08 -8.10
C GLY A 312 21.38 -3.06 -9.18
N ARG A 313 20.14 -2.72 -8.83
CA ARG A 313 19.03 -2.74 -9.77
C ARG A 313 18.73 -1.36 -10.35
N TYR A 314 19.60 -0.38 -10.14
CA TYR A 314 19.30 1.03 -10.44
C TYR A 314 19.66 1.30 -11.91
N THR A 315 18.75 0.89 -12.79
CA THR A 315 18.97 0.91 -14.23
C THR A 315 18.66 2.31 -14.80
N SER A 316 18.94 2.47 -16.10
CA SER A 316 18.62 3.73 -16.77
C SER A 316 17.12 4.02 -16.74
N GLN A 317 16.28 2.98 -16.79
CA GLN A 317 14.85 3.21 -16.69
C GLN A 317 14.47 3.73 -15.32
N VAL A 318 15.19 3.27 -14.28
CA VAL A 318 14.79 3.57 -12.92
C VAL A 318 15.24 4.97 -12.52
N ARG A 319 16.45 5.37 -12.91
CA ARG A 319 16.84 6.76 -12.69
C ARG A 319 15.94 7.71 -13.46
N SER A 320 15.58 7.33 -14.69
CA SER A 320 14.62 8.13 -15.43
C SER A 320 13.26 8.16 -14.74
N PHE A 321 12.86 7.06 -14.09
CA PHE A 321 11.57 7.06 -13.39
C PHE A 321 11.55 8.03 -12.22
N TYR A 322 12.59 7.98 -11.37
CA TYR A 322 12.60 8.86 -10.20
C TYR A 322 12.74 10.33 -10.58
N ALA A 323 13.47 10.63 -11.65
CA ALA A 323 13.46 12.00 -12.15
C ALA A 323 12.09 12.40 -12.64
N SER A 324 11.35 11.48 -13.25
CA SER A 324 10.03 11.80 -13.74
C SER A 324 9.07 12.13 -12.60
N LEU A 325 9.29 11.55 -11.40
CA LEU A 325 8.43 11.86 -10.27
C LEU A 325 8.49 13.34 -9.89
N GLU A 326 9.63 13.99 -10.14
CA GLU A 326 9.77 15.39 -9.78
C GLU A 326 9.11 16.33 -10.78
N ASP A 327 8.68 15.83 -11.93
CA ASP A 327 8.09 16.70 -12.95
C ASP A 327 6.57 16.54 -13.02
N HIS A 328 5.91 16.72 -11.89
CA HIS A 328 4.45 16.70 -11.81
C HIS A 328 3.98 17.88 -10.98
N SER A 329 2.80 18.40 -11.30
CA SER A 329 2.31 19.55 -10.57
C SER A 329 1.38 19.19 -9.42
N GLY A 330 0.77 18.01 -9.44
CA GLY A 330 -0.05 17.54 -8.34
C GLY A 330 0.77 16.86 -7.26
N HIS A 331 0.07 16.19 -6.34
CA HIS A 331 0.73 15.56 -5.21
C HIS A 331 1.08 14.12 -5.56
N VAL A 332 2.33 13.72 -5.27
CA VAL A 332 2.81 12.38 -5.58
C VAL A 332 2.84 11.56 -4.30
N LEU A 333 2.29 10.35 -4.35
CA LEU A 333 2.21 9.48 -3.19
C LEU A 333 2.62 8.08 -3.62
N ARG A 334 3.09 7.30 -2.64
CA ARG A 334 3.30 5.87 -2.83
C ARG A 334 2.29 5.10 -1.99
N LEU A 335 1.40 4.38 -2.64
CA LEU A 335 0.37 3.61 -1.97
C LEU A 335 0.89 2.25 -1.60
N GLY A 336 0.18 1.61 -0.68
CA GLY A 336 0.50 0.27 -0.23
C GLY A 336 1.29 0.28 1.05
N TRP A 337 0.72 0.78 2.13
CA TRP A 337 1.33 0.74 3.44
C TRP A 337 0.71 -0.39 4.25
N GLY A 338 1.57 -1.24 4.80
CA GLY A 338 1.15 -2.35 5.62
C GLY A 338 1.21 -2.02 7.10
N SER A 339 1.36 -3.07 7.90
CA SER A 339 1.22 -2.97 9.34
C SER A 339 2.43 -2.30 10.01
N GLY A 340 3.57 -2.23 9.31
CA GLY A 340 4.74 -1.57 9.84
C GLY A 340 4.89 -0.11 9.46
N TRP A 341 3.80 0.56 9.06
CA TRP A 341 3.90 1.93 8.55
C TRP A 341 4.48 2.90 9.57
N LEU A 342 4.15 2.75 10.86
CA LEU A 342 4.76 3.65 11.85
C LEU A 342 6.23 3.32 12.05
N ALA A 343 6.56 2.03 12.09
CA ALA A 343 7.94 1.64 12.30
C ALA A 343 8.81 2.08 11.13
N MET A 344 8.29 2.02 9.89
CA MET A 344 9.04 2.51 8.75
C MET A 344 9.29 4.00 8.84
N THR A 345 8.24 4.75 9.20
CA THR A 345 8.37 6.20 9.34
C THR A 345 9.34 6.58 10.45
N ILE A 346 9.32 5.86 11.58
CA ILE A 346 10.34 6.11 12.61
C ILE A 346 11.72 5.87 12.04
N GLY A 347 11.84 4.86 11.18
CA GLY A 347 13.15 4.52 10.63
C GLY A 347 13.68 5.57 9.68
N LEU A 348 12.81 6.17 8.86
CA LEU A 348 13.27 7.27 8.01
C LEU A 348 13.73 8.45 8.85
N LEU A 349 12.98 8.78 9.90
CA LEU A 349 13.38 9.87 10.78
C LEU A 349 14.68 9.56 11.50
N LEU A 350 14.93 8.29 11.84
CA LEU A 350 16.19 7.96 12.47
C LEU A 350 17.35 8.10 11.51
N VAL A 351 17.14 7.73 10.24
CA VAL A 351 18.17 7.87 9.23
C VAL A 351 18.42 9.33 8.90
N GLU A 352 17.37 10.15 8.89
CA GLU A 352 17.57 11.56 8.60
C GLU A 352 18.39 12.25 9.67
N LYS A 353 18.32 11.76 10.90
CA LYS A 353 19.18 12.27 11.96
C LYS A 353 20.54 11.60 11.98
N GLY A 354 20.77 10.66 11.06
CA GLY A 354 22.08 10.06 10.86
C GLY A 354 22.31 8.80 11.66
N TYR A 355 21.39 7.83 11.57
CA TYR A 355 21.71 6.45 11.90
C TYR A 355 21.68 5.60 10.64
N LYS A 356 22.58 4.61 10.59
CA LYS A 356 22.59 3.65 9.50
C LYS A 356 21.34 2.77 9.53
N TRP A 357 20.79 2.50 8.34
CA TRP A 357 19.58 1.69 8.24
C TRP A 357 19.81 0.25 8.68
N GLU A 358 21.04 -0.26 8.55
CA GLU A 358 21.32 -1.62 8.99
C GLU A 358 21.15 -1.78 10.50
N ASN A 359 21.34 -0.72 11.28
CA ASN A 359 21.17 -0.80 12.72
C ASN A 359 19.76 -0.48 13.21
N VAL A 360 18.87 0.00 12.34
CA VAL A 360 17.56 0.48 12.77
C VAL A 360 16.46 -0.58 12.57
N ARG A 383 11.06 -4.47 0.22
CA ARG A 383 10.56 -3.63 -0.86
C ARG A 383 10.75 -4.34 -2.23
N ARG A 384 9.99 -3.91 -3.23
CA ARG A 384 9.52 -4.76 -4.33
C ARG A 384 9.73 -4.01 -5.65
N LEU A 385 10.18 -4.73 -6.68
CA LEU A 385 10.23 -4.22 -8.04
C LEU A 385 9.29 -5.05 -8.91
N ALA A 386 8.39 -4.38 -9.62
CA ALA A 386 7.55 -5.01 -10.63
C ALA A 386 8.24 -4.86 -11.98
N ASP A 387 8.76 -5.97 -12.52
CA ASP A 387 9.58 -5.95 -13.72
C ASP A 387 10.66 -4.87 -13.64
N GLY A 388 11.34 -4.81 -12.50
CA GLY A 388 12.43 -3.87 -12.33
C GLY A 388 12.03 -2.48 -11.87
N MET A 389 10.75 -2.23 -11.63
CA MET A 389 10.30 -0.86 -11.46
C MET A 389 9.69 -0.70 -10.07
N PRO A 390 9.98 0.40 -9.36
CA PRO A 390 9.42 0.56 -8.01
C PRO A 390 7.91 0.62 -8.09
N MET A 391 7.26 0.07 -7.07
CA MET A 391 5.81 -0.11 -7.09
C MET A 391 5.10 0.97 -6.30
N GLY A 392 3.86 1.25 -6.71
CA GLY A 392 2.88 1.91 -5.90
C GLY A 392 2.83 3.42 -6.00
N TRP A 393 3.61 4.01 -6.90
CA TRP A 393 3.64 5.46 -7.03
C TRP A 393 2.45 5.99 -7.84
N VAL A 394 1.82 7.06 -7.31
CA VAL A 394 0.65 7.69 -7.92
C VAL A 394 0.81 9.20 -7.76
N VAL A 395 0.02 9.93 -8.56
CA VAL A 395 -0.13 11.38 -8.40
C VAL A 395 -1.61 11.71 -8.38
N LEU A 396 -2.01 12.54 -7.42
CA LEU A 396 -3.33 13.19 -7.42
C LEU A 396 -3.32 14.51 -8.16
#